data_2HAL
#
_entry.id   2HAL
#
_cell.length_a   44.584
_cell.length_b   56.240
_cell.length_c   81.052
_cell.angle_alpha   90.00
_cell.angle_beta   90.00
_cell.angle_gamma   90.00
#
_symmetry.space_group_name_H-M   'P 21 21 21'
#
loop_
_entity.id
_entity.type
_entity.pdbx_description
1 polymer 'Hepatitis A Protease 3C'
2 polymer 'N-ACETYL-LEUCYL-PHENYLALANYL-PHENYLALANYL-GLUTAMATE-FLUOROMETHYLKETONE INHIBITOR'
3 non-polymer N-[(BENZYLOXY)CARBONYL]-L-ALANINE
4 water water
#
loop_
_entity_poly.entity_id
_entity_poly.type
_entity_poly.pdbx_seq_one_letter_code
_entity_poly.pdbx_strand_id
1 'polypeptide(L)'
;STLEIAGLVRKNLVQFGVGEKNGSVRWVMNALGVKDDWLLVPSHAYKFEKDYEMMEFYFNRGGTYYSISAGNVVIQSLDV
GFQDVVLMKVPTIPKFRDITQHFIKKGDVPRALNRLATLVTTVNGTPMLISEGPLKMEEKATYVHKKNDGTTVDLTVDQA
WRGKGEGLPGMCGGALVSSNQSIQNAILGIHVAGGNSILVAKLVTQEMFQNI
;
A
2 'polypeptide(L)' (ACE)LFF(GLK)(CF0) I
#
# COMPACT_ATOMS: atom_id res chain seq x y z
N SER A 1 8.07 7.60 17.90
CA SER A 1 8.82 6.32 17.75
C SER A 1 8.26 5.50 16.62
N THR A 2 9.02 4.51 16.18
CA THR A 2 8.51 3.59 15.18
C THR A 2 7.19 2.96 15.64
N LEU A 3 7.15 2.54 16.91
CA LEU A 3 6.00 1.81 17.39
C LEU A 3 4.74 2.68 17.44
N GLU A 4 4.89 3.96 17.75
CA GLU A 4 3.73 4.86 17.79
C GLU A 4 3.24 5.20 16.38
N ILE A 5 4.15 5.39 15.42
CA ILE A 5 3.73 5.53 14.02
C ILE A 5 3.04 4.25 13.56
N ALA A 6 3.60 3.12 13.96
CA ALA A 6 3.02 1.83 13.59
C ALA A 6 1.58 1.73 14.07
N GLY A 7 1.31 2.25 15.26
CA GLY A 7 -0.05 2.19 15.80
C GLY A 7 -1.02 3.02 14.98
N LEU A 8 -0.54 4.14 14.49
CA LEU A 8 -1.37 5.01 13.67
C LEU A 8 -1.65 4.38 12.31
N VAL A 9 -0.64 3.71 11.76
CA VAL A 9 -0.83 2.93 10.52
C VAL A 9 -1.83 1.81 10.75
N ARG A 10 -1.63 1.08 11.84
CA ARG A 10 -2.43 -0.08 12.14
C ARG A 10 -3.92 0.26 12.18
N LYS A 11 -4.25 1.38 12.82
CA LYS A 11 -5.64 1.83 12.97
C LYS A 11 -6.29 2.22 11.62
N ASN A 12 -5.46 2.59 10.65
CA ASN A 12 -5.95 3.03 9.35
C ASN A 12 -5.89 1.97 8.26
N LEU A 13 -5.35 0.80 8.60
CA LEU A 13 -5.28 -0.30 7.66
C LEU A 13 -6.58 -1.07 7.63
N VAL A 14 -7.10 -1.23 6.43
CA VAL A 14 -8.27 -2.08 6.21
C VAL A 14 -7.89 -3.21 5.23
N GLN A 15 -8.68 -4.27 5.22
CA GLN A 15 -8.51 -5.32 4.21
C GLN A 15 -9.31 -5.00 2.96
N PHE A 16 -8.70 -5.22 1.81
CA PHE A 16 -9.31 -4.90 0.52
C PHE A 16 -9.60 -6.19 -0.21
N GLY A 17 -10.85 -6.34 -0.62
CA GLY A 17 -11.29 -7.51 -1.35
C GLY A 17 -12.05 -7.14 -2.59
N VAL A 18 -12.14 -8.11 -3.51
CA VAL A 18 -12.81 -7.93 -4.78
C VAL A 18 -13.71 -9.12 -5.04
N GLY A 19 -14.88 -8.84 -5.61
CA GLY A 19 -15.75 -9.93 -6.05
C GLY A 19 -16.74 -9.49 -7.10
N GLU A 20 -17.36 -10.47 -7.77
CA GLU A 20 -18.47 -10.18 -8.67
C GLU A 20 -19.70 -9.86 -7.85
N LYS A 21 -20.62 -9.07 -8.43
CA LYS A 21 -21.93 -8.89 -7.81
C LYS A 21 -22.54 -10.26 -7.50
N ASN A 22 -23.05 -10.41 -6.29
CA ASN A 22 -23.65 -11.66 -5.78
C ASN A 22 -22.67 -12.83 -5.60
N GLY A 23 -21.38 -12.54 -5.72
CA GLY A 23 -20.35 -13.58 -5.63
C GLY A 23 -19.58 -13.57 -4.32
N SER A 24 -18.71 -14.56 -4.16
CA SER A 24 -17.85 -14.65 -2.97
C SER A 24 -16.82 -13.53 -3.02
N VAL A 25 -16.38 -13.06 -1.84
CA VAL A 25 -15.33 -12.04 -1.78
C VAL A 25 -13.96 -12.71 -1.74
N ARG A 26 -13.06 -12.23 -2.58
CA ARG A 26 -11.67 -12.62 -2.55
C ARG A 26 -10.89 -11.52 -1.83
N TRP A 27 -10.40 -11.84 -0.63
CA TRP A 27 -9.62 -10.87 0.13
C TRP A 27 -8.18 -10.93 -0.37
N VAL A 28 -7.69 -9.78 -0.84
CA VAL A 28 -6.47 -9.69 -1.65
C VAL A 28 -5.28 -9.13 -0.85
N MET A 29 -5.49 -7.99 -0.19
CA MET A 29 -4.38 -7.26 0.43
C MET A 29 -4.90 -6.20 1.38
N ASN A 30 -4.00 -5.32 1.80
CA ASN A 30 -4.31 -4.18 2.65
C ASN A 30 -4.55 -2.91 1.83
N ALA A 31 -5.36 -1.99 2.35
CA ALA A 31 -5.40 -0.59 1.88
C ALA A 31 -5.20 0.29 3.10
N LEU A 32 -4.59 1.46 2.90
CA LEU A 32 -4.30 2.35 4.01
C LEU A 32 -5.08 3.66 3.91
N GLY A 33 -6.02 3.87 4.83
CA GLY A 33 -6.71 5.15 4.86
C GLY A 33 -5.70 6.23 5.18
N VAL A 34 -5.79 7.35 4.46
CA VAL A 34 -4.88 8.48 4.72
C VAL A 34 -5.55 9.76 5.25
N LYS A 35 -6.75 10.07 4.76
CA LYS A 35 -7.55 11.18 5.30
C LYS A 35 -8.92 11.17 4.67
N ASP A 36 -9.91 11.68 5.41
CA ASP A 36 -11.30 11.70 4.95
C ASP A 36 -11.67 10.30 4.45
N ASP A 37 -12.19 10.20 3.24
CA ASP A 37 -12.55 8.90 2.65
C ASP A 37 -11.57 8.40 1.59
N TRP A 38 -10.33 8.87 1.67
CA TRP A 38 -9.27 8.50 0.73
C TRP A 38 -8.36 7.43 1.32
N LEU A 39 -8.07 6.42 0.49
CA LEU A 39 -7.11 5.36 0.84
C LEU A 39 -6.03 5.23 -0.21
N LEU A 40 -4.86 4.74 0.21
CA LEU A 40 -3.85 4.28 -0.73
C LEU A 40 -4.04 2.78 -0.91
N VAL A 41 -3.98 2.32 -2.16
CA VAL A 41 -4.05 0.89 -2.45
C VAL A 41 -3.29 0.53 -3.73
N PRO A 42 -2.52 -0.57 -3.72
CA PRO A 42 -1.86 -0.99 -4.96
C PRO A 42 -2.90 -1.40 -6.02
N SER A 43 -2.88 -0.71 -7.17
CA SER A 43 -3.86 -0.98 -8.23
C SER A 43 -3.70 -2.35 -8.86
N HIS A 44 -2.54 -2.98 -8.67
CA HIS A 44 -2.36 -4.37 -9.14
C HIS A 44 -3.32 -5.33 -8.44
N ALA A 45 -3.96 -4.86 -7.38
CA ALA A 45 -5.02 -5.62 -6.70
C ALA A 45 -6.20 -5.91 -7.63
N TYR A 46 -6.49 -5.01 -8.57
CA TYR A 46 -7.70 -5.10 -9.38
C TYR A 46 -7.54 -4.82 -10.89
N LYS A 47 -6.57 -3.98 -11.27
CA LYS A 47 -6.62 -3.41 -12.63
C LYS A 47 -6.33 -4.37 -13.78
N PHE A 48 -5.80 -5.56 -13.47
CA PHE A 48 -5.36 -6.49 -14.50
C PHE A 48 -6.32 -7.66 -14.72
N GLU A 49 -7.41 -7.66 -13.96
CA GLU A 49 -8.47 -8.65 -14.17
C GLU A 49 -9.58 -8.05 -15.04
N LYS A 50 -10.27 -8.92 -15.79
CA LYS A 50 -11.30 -8.50 -16.75
C LYS A 50 -12.44 -7.71 -16.11
N ASP A 51 -12.89 -6.66 -16.81
CA ASP A 51 -14.07 -5.86 -16.44
C ASP A 51 -14.12 -5.45 -14.95
N TYR A 52 -13.03 -4.86 -14.46
CA TYR A 52 -12.92 -4.53 -13.03
C TYR A 52 -14.07 -3.66 -12.53
N GLU A 53 -14.52 -2.72 -13.37
CA GLU A 53 -15.52 -1.72 -12.99
C GLU A 53 -16.90 -2.30 -12.70
N MET A 54 -17.12 -3.54 -13.15
CA MET A 54 -18.37 -4.25 -12.85
C MET A 54 -18.26 -5.11 -11.59
N MET A 55 -17.08 -5.12 -10.97
CA MET A 55 -16.89 -5.86 -9.74
C MET A 55 -17.28 -5.01 -8.56
N GLU A 56 -17.43 -5.66 -7.42
CA GLU A 56 -17.65 -5.01 -6.16
C GLU A 56 -16.34 -5.00 -5.42
N PHE A 57 -16.01 -3.84 -4.83
CA PHE A 57 -14.87 -3.67 -3.94
C PHE A 57 -15.34 -3.76 -2.51
N TYR A 58 -14.56 -4.43 -1.68
CA TYR A 58 -14.90 -4.65 -0.29
C TYR A 58 -13.80 -4.14 0.62
N PHE A 59 -14.20 -3.53 1.73
CA PHE A 59 -13.27 -2.98 2.72
C PHE A 59 -13.66 -3.47 4.09
N ASN A 60 -12.75 -4.20 4.71
CA ASN A 60 -12.99 -4.78 6.02
C ASN A 60 -12.25 -3.95 7.04
N ARG A 61 -13.01 -3.24 7.88
CA ARG A 61 -12.47 -2.47 8.99
C ARG A 61 -12.80 -3.14 10.31
N GLY A 62 -11.86 -3.94 10.82
CA GLY A 62 -12.03 -4.70 12.06
C GLY A 62 -13.30 -5.54 12.17
N GLY A 63 -13.68 -6.17 11.07
CA GLY A 63 -14.84 -7.05 11.05
C GLY A 63 -16.15 -6.35 10.74
N THR A 64 -16.07 -5.07 10.41
CA THR A 64 -17.22 -4.38 9.86
C THR A 64 -16.91 -4.12 8.39
N TYR A 65 -17.83 -4.54 7.53
CA TYR A 65 -17.58 -4.57 6.10
C TYR A 65 -18.30 -3.46 5.37
N TYR A 66 -17.58 -2.87 4.41
CA TYR A 66 -18.11 -1.83 3.55
C TYR A 66 -17.90 -2.27 2.11
N SER A 67 -18.92 -2.14 1.29
CA SER A 67 -18.80 -2.56 -0.10
C SER A 67 -19.31 -1.48 -1.02
N ILE A 68 -18.82 -1.49 -2.24
CA ILE A 68 -19.17 -0.47 -3.20
C ILE A 68 -18.87 -0.99 -4.59
N SER A 69 -19.66 -0.58 -5.56
CA SER A 69 -19.35 -0.87 -6.95
C SER A 69 -18.02 -0.22 -7.32
N ALA A 70 -17.16 -0.99 -7.99
CA ALA A 70 -15.88 -0.46 -8.47
C ALA A 70 -16.06 0.81 -9.31
N GLY A 71 -17.20 0.92 -9.97
CA GLY A 71 -17.48 2.10 -10.79
C GLY A 71 -17.80 3.36 -10.01
N ASN A 72 -18.01 3.20 -8.70
CA ASN A 72 -18.34 4.32 -7.83
C ASN A 72 -17.20 4.77 -6.89
N VAL A 73 -16.02 4.18 -7.03
CA VAL A 73 -14.84 4.70 -6.34
C VAL A 73 -14.10 5.60 -7.30
N VAL A 74 -13.51 6.66 -6.77
CA VAL A 74 -12.74 7.60 -7.59
C VAL A 74 -11.25 7.33 -7.43
N ILE A 75 -10.62 6.94 -8.52
CA ILE A 75 -9.21 6.55 -8.49
C ILE A 75 -8.38 7.70 -9.04
N GLN A 76 -7.37 8.11 -8.28
CA GLN A 76 -6.49 9.24 -8.63
C GLN A 76 -5.04 8.79 -8.54
N SER A 77 -4.29 9.01 -9.63
CA SER A 77 -2.87 8.73 -9.67
C SER A 77 -2.05 9.56 -8.69
N LEU A 78 -0.91 9.02 -8.26
CA LEU A 78 -0.01 9.72 -7.34
C LEU A 78 0.94 10.67 -8.06
N ASP A 79 1.18 10.39 -9.33
CA ASP A 79 2.13 11.14 -10.14
C ASP A 79 1.92 10.74 -11.61
N VAL A 80 2.68 11.36 -12.51
CA VAL A 80 2.60 11.02 -13.93
C VAL A 80 3.09 9.60 -14.19
N GLY A 81 2.44 8.92 -15.14
CA GLY A 81 2.79 7.55 -15.48
C GLY A 81 2.27 6.52 -14.50
N PHE A 82 2.69 5.27 -14.68
CA PHE A 82 2.24 4.18 -13.83
C PHE A 82 3.07 4.09 -12.55
N GLN A 83 2.41 4.15 -11.40
CA GLN A 83 3.09 4.08 -10.12
C GLN A 83 2.53 2.98 -9.22
N ASP A 84 1.61 2.18 -9.78
CA ASP A 84 0.92 1.07 -9.10
C ASP A 84 -0.02 1.53 -7.99
N VAL A 85 0.53 1.98 -6.88
CA VAL A 85 -0.27 2.49 -5.79
C VAL A 85 -1.07 3.70 -6.27
N VAL A 86 -2.37 3.70 -5.97
CA VAL A 86 -3.25 4.82 -6.29
C VAL A 86 -3.93 5.35 -5.04
N LEU A 87 -4.51 6.55 -5.17
CA LEU A 87 -5.43 7.07 -4.20
C LEU A 87 -6.84 6.69 -4.64
N MET A 88 -7.66 6.26 -3.69
CA MET A 88 -8.99 5.80 -4.01
C MET A 88 -9.96 6.38 -3.00
N LYS A 89 -10.96 7.11 -3.51
CA LYS A 89 -12.02 7.68 -2.68
C LYS A 89 -13.17 6.70 -2.62
N VAL A 90 -13.55 6.34 -1.41
CA VAL A 90 -14.60 5.36 -1.17
C VAL A 90 -15.70 6.04 -0.34
N PRO A 91 -16.74 6.57 -1.02
CA PRO A 91 -17.74 7.37 -0.31
C PRO A 91 -18.38 6.68 0.90
N THR A 92 -18.43 5.35 0.91
CA THR A 92 -19.11 4.61 1.97
C THR A 92 -18.25 4.23 3.18
N ILE A 93 -16.97 4.59 3.14
CA ILE A 93 -16.05 4.27 4.24
C ILE A 93 -16.16 5.32 5.36
N PRO A 94 -16.10 4.88 6.64
CA PRO A 94 -16.00 5.88 7.70
C PRO A 94 -14.76 6.75 7.53
N LYS A 95 -14.87 8.02 7.88
CA LYS A 95 -13.75 8.97 7.82
C LYS A 95 -12.53 8.41 8.56
N PHE A 96 -11.36 8.47 7.91
CA PHE A 96 -10.10 8.13 8.56
C PHE A 96 -9.45 9.31 9.31
N ARG A 97 -8.72 8.99 10.38
CA ARG A 97 -7.75 9.92 10.96
C ARG A 97 -6.76 10.35 9.87
N ASP A 98 -6.51 11.66 9.77
CA ASP A 98 -5.57 12.22 8.80
C ASP A 98 -4.16 11.88 9.23
N ILE A 99 -3.49 11.03 8.45
CA ILE A 99 -2.11 10.67 8.76
C ILE A 99 -1.14 11.20 7.71
N THR A 100 -1.62 12.08 6.83
CA THR A 100 -0.81 12.54 5.71
C THR A 100 0.46 13.28 6.15
N GLN A 101 0.40 13.89 7.32
CA GLN A 101 1.54 14.67 7.81
C GLN A 101 2.64 13.80 8.38
N HIS A 102 2.36 12.50 8.50
CA HIS A 102 3.34 11.53 8.97
C HIS A 102 4.12 10.89 7.82
N PHE A 103 3.73 11.18 6.57
CA PHE A 103 4.49 10.72 5.41
C PHE A 103 5.72 11.58 5.17
N ILE A 104 6.78 10.97 4.63
CA ILE A 104 8.01 11.69 4.37
C ILE A 104 7.81 12.80 3.33
N LYS A 105 8.50 13.92 3.52
CA LYS A 105 8.53 14.97 2.52
C LYS A 105 9.56 14.62 1.46
N LYS A 106 9.29 14.95 0.20
CA LYS A 106 10.22 14.64 -0.91
C LYS A 106 11.67 15.00 -0.58
N GLY A 107 11.88 16.21 -0.04
CA GLY A 107 13.21 16.68 0.31
C GLY A 107 13.95 15.90 1.39
N ASP A 108 13.21 15.13 2.19
CA ASP A 108 13.79 14.36 3.29
C ASP A 108 14.11 12.89 2.94
N VAL A 109 13.75 12.48 1.73
CA VAL A 109 14.06 11.12 1.26
C VAL A 109 15.51 10.67 1.55
N PRO A 110 16.53 11.53 1.26
CA PRO A 110 17.91 11.11 1.57
C PRO A 110 18.14 10.69 3.03
N ARG A 111 17.33 11.21 3.94
CA ARG A 111 17.49 10.94 5.37
C ARG A 111 17.02 9.54 5.79
N ALA A 112 16.25 8.87 4.94
CA ALA A 112 15.80 7.50 5.22
C ALA A 112 16.72 6.44 4.62
N LEU A 113 17.56 6.84 3.65
CA LEU A 113 18.49 5.90 3.00
C LEU A 113 19.54 5.33 3.96
N ASN A 114 19.91 4.07 3.73
CA ASN A 114 20.97 3.38 4.49
C ASN A 114 20.63 3.17 5.95
N ARG A 115 19.34 3.25 6.25
CA ARG A 115 18.86 3.02 7.61
C ARG A 115 17.76 1.97 7.61
N LEU A 116 17.60 1.32 8.75
CA LEU A 116 16.58 0.30 8.91
C LEU A 116 15.18 0.92 8.80
N ALA A 117 14.20 0.08 8.50
CA ALA A 117 12.81 0.49 8.49
C ALA A 117 11.96 -0.71 8.90
N THR A 118 10.67 -0.43 9.17
CA THR A 118 9.75 -1.48 9.58
C THR A 118 8.56 -1.44 8.67
N LEU A 119 8.23 -2.57 8.08
CA LEU A 119 6.97 -2.71 7.36
C LEU A 119 5.85 -2.99 8.36
N VAL A 120 4.90 -2.06 8.41
CA VAL A 120 3.74 -2.18 9.27
C VAL A 120 2.59 -2.61 8.39
N THR A 121 2.18 -3.86 8.58
CA THR A 121 1.21 -4.42 7.66
C THR A 121 0.31 -5.44 8.34
N THR A 122 -0.49 -6.16 7.54
CA THR A 122 -1.19 -7.33 8.06
C THR A 122 -1.16 -8.45 7.04
N VAL A 123 -1.46 -9.66 7.51
CA VAL A 123 -1.95 -10.70 6.62
C VAL A 123 -3.40 -10.96 7.00
N ASN A 124 -4.30 -10.66 6.07
CA ASN A 124 -5.76 -10.65 6.29
C ASN A 124 -6.20 -10.13 7.66
N GLY A 125 -5.64 -9.00 8.05
CA GLY A 125 -6.03 -8.33 9.26
C GLY A 125 -5.22 -8.62 10.51
N THR A 126 -4.40 -9.67 10.47
CA THR A 126 -3.51 -9.97 11.60
C THR A 126 -2.29 -9.08 11.51
N PRO A 127 -2.12 -8.16 12.47
CA PRO A 127 -1.04 -7.18 12.35
C PRO A 127 0.34 -7.77 12.51
N MET A 128 1.28 -7.31 11.69
CA MET A 128 2.65 -7.77 11.75
C MET A 128 3.62 -6.60 11.56
N LEU A 129 4.75 -6.68 12.26
CA LEU A 129 5.84 -5.73 12.09
C LEU A 129 7.00 -6.52 11.47
N ILE A 130 7.43 -6.10 10.29
CA ILE A 130 8.47 -6.81 9.55
C ILE A 130 9.70 -5.92 9.42
N SER A 131 10.82 -6.39 9.95
CA SER A 131 12.06 -5.62 9.91
C SER A 131 12.63 -5.60 8.48
N GLU A 132 13.04 -4.41 8.04
CA GLU A 132 13.68 -4.28 6.75
C GLU A 132 15.08 -3.76 6.93
N GLY A 133 16.04 -4.33 6.20
CA GLY A 133 17.45 -3.98 6.31
C GLY A 133 17.67 -2.57 5.78
N PRO A 134 18.91 -2.06 5.84
CA PRO A 134 19.16 -0.69 5.42
C PRO A 134 18.59 -0.44 4.03
N LEU A 135 17.84 0.65 3.91
CA LEU A 135 17.12 0.95 2.70
C LEU A 135 17.96 1.52 1.59
N LYS A 136 17.63 1.07 0.38
CA LYS A 136 18.05 1.73 -0.84
C LYS A 136 16.84 2.25 -1.61
N MET A 137 17.10 3.18 -2.52
CA MET A 137 16.08 3.70 -3.42
C MET A 137 16.43 3.29 -4.84
N GLU A 138 15.50 2.60 -5.49
CA GLU A 138 15.62 2.26 -6.90
C GLU A 138 14.79 3.22 -7.70
N GLU A 139 15.43 3.91 -8.65
CA GLU A 139 14.72 4.86 -9.48
C GLU A 139 13.67 4.14 -10.32
N LYS A 140 13.99 2.91 -10.71
CA LYS A 140 13.04 2.02 -11.37
C LYS A 140 13.13 0.60 -10.83
N ALA A 141 12.02 0.10 -10.31
CA ALA A 141 11.94 -1.27 -9.79
C ALA A 141 10.97 -2.10 -10.62
N THR A 142 11.36 -3.34 -10.91
CA THR A 142 10.54 -4.28 -11.66
C THR A 142 10.22 -5.51 -10.84
N TYR A 143 8.96 -5.94 -10.90
CA TYR A 143 8.51 -7.15 -10.21
C TYR A 143 7.43 -7.86 -11.00
N VAL A 144 7.20 -9.13 -10.68
CA VAL A 144 6.26 -9.95 -11.42
C VAL A 144 4.96 -10.18 -10.63
N HIS A 145 3.84 -9.80 -11.25
CA HIS A 145 2.53 -9.93 -10.64
C HIS A 145 1.83 -11.15 -11.21
N LYS A 146 1.40 -12.06 -10.33
CA LYS A 146 0.64 -13.22 -10.74
C LYS A 146 -0.86 -12.91 -10.66
N LYS A 147 -1.51 -13.01 -11.81
CA LYS A 147 -2.95 -12.77 -11.90
C LYS A 147 -3.73 -13.97 -11.36
N ASN A 148 -5.06 -13.84 -11.31
CA ASN A 148 -5.94 -14.89 -10.79
C ASN A 148 -5.93 -16.19 -11.58
N ASP A 149 -5.71 -16.10 -12.90
CA ASP A 149 -5.65 -17.29 -13.76
C ASP A 149 -4.36 -18.10 -13.58
N GLY A 150 -3.34 -17.46 -12.98
CA GLY A 150 -2.06 -18.11 -12.75
C GLY A 150 -0.93 -17.52 -13.59
N THR A 151 -1.30 -16.81 -14.65
CA THR A 151 -0.33 -16.16 -15.53
C THR A 151 0.26 -14.92 -14.87
N THR A 152 1.47 -14.56 -15.26
CA THR A 152 2.20 -13.47 -14.62
C THR A 152 2.50 -12.31 -15.58
N VAL A 153 2.44 -11.09 -15.05
CA VAL A 153 2.82 -9.89 -15.81
C VAL A 153 3.94 -9.15 -15.08
N ASP A 154 4.76 -8.44 -15.85
CA ASP A 154 5.89 -7.68 -15.30
C ASP A 154 5.50 -6.21 -15.12
N LEU A 155 5.74 -5.67 -13.94
CA LEU A 155 5.35 -4.30 -13.60
C LEU A 155 6.54 -3.44 -13.20
N THR A 156 6.49 -2.14 -13.53
CA THR A 156 7.62 -1.21 -13.31
C THR A 156 7.14 0.18 -12.84
N VAL A 157 7.75 0.66 -11.75
CA VAL A 157 7.42 1.98 -11.18
C VAL A 157 8.63 2.90 -11.00
N ASP A 158 8.36 4.19 -10.81
CA ASP A 158 9.39 5.14 -10.41
C ASP A 158 9.52 5.11 -8.89
N GLN A 159 10.75 5.16 -8.42
CA GLN A 159 11.07 5.43 -7.02
C GLN A 159 10.45 4.41 -6.06
N ALA A 160 11.19 3.31 -5.89
CA ALA A 160 10.80 2.28 -4.96
C ALA A 160 11.90 2.02 -3.94
N TRP A 161 11.51 1.94 -2.68
CA TRP A 161 12.41 1.50 -1.63
C TRP A 161 12.66 0.00 -1.76
N ARG A 162 13.91 -0.39 -1.54
CA ARG A 162 14.33 -1.77 -1.50
C ARG A 162 15.06 -2.01 -0.19
N GLY A 163 14.61 -3.03 0.54
CA GLY A 163 15.27 -3.43 1.77
C GLY A 163 15.29 -4.94 1.94
N LYS A 164 16.32 -5.43 2.61
CA LYS A 164 16.36 -6.86 2.94
C LYS A 164 15.27 -7.18 3.95
N GLY A 165 14.48 -8.21 3.64
CA GLY A 165 13.48 -8.68 4.58
C GLY A 165 12.63 -9.81 4.06
N GLU A 166 11.85 -10.41 4.97
CA GLU A 166 10.99 -11.54 4.63
C GLU A 166 9.52 -11.16 4.63
N GLY A 167 8.93 -11.19 3.44
CA GLY A 167 7.52 -10.87 3.28
C GLY A 167 6.67 -12.11 3.03
N LEU A 168 5.36 -11.93 3.14
CA LEU A 168 4.41 -12.97 2.82
C LEU A 168 3.28 -12.45 1.93
N PRO A 169 2.60 -13.36 1.21
CA PRO A 169 1.45 -12.93 0.44
C PRO A 169 0.45 -12.20 1.34
N GLY A 170 -0.18 -11.19 0.78
CA GLY A 170 -1.19 -10.42 1.50
C GLY A 170 -0.66 -9.21 2.24
N MET A 171 0.66 -9.10 2.33
CA MET A 171 1.29 -7.96 3.02
C MET A 171 1.28 -6.65 2.22
N CYS A 172 1.07 -6.75 0.90
CA CYS A 172 0.98 -5.56 0.08
C CYS A 172 -0.05 -4.61 0.64
N GLY A 173 0.20 -3.31 0.46
CA GLY A 173 -0.70 -2.27 0.94
C GLY A 173 -0.34 -1.77 2.32
N GLY A 174 0.50 -2.52 3.04
CA GLY A 174 1.03 -2.02 4.31
C GLY A 174 2.00 -0.86 4.11
N ALA A 175 2.37 -0.20 5.21
CA ALA A 175 3.20 1.00 5.16
C ALA A 175 4.62 0.76 5.66
N LEU A 176 5.61 1.21 4.88
CA LEU A 176 7.00 1.24 5.30
C LEU A 176 7.30 2.45 6.19
N VAL A 177 7.83 2.20 7.39
CA VAL A 177 8.10 3.26 8.39
C VAL A 177 9.59 3.35 8.69
N SER A 178 10.17 4.54 8.51
CA SER A 178 11.61 4.74 8.79
C SER A 178 11.96 4.57 10.26
N SER A 179 13.12 3.98 10.53
CA SER A 179 13.66 3.90 11.88
C SER A 179 14.27 5.23 12.33
N ASN A 180 14.37 6.19 11.41
CA ASN A 180 15.01 7.48 11.69
C ASN A 180 14.10 8.42 12.49
N GLN A 181 14.42 8.57 13.76
CA GLN A 181 13.61 9.39 14.67
C GLN A 181 13.76 10.88 14.35
N SER A 182 14.83 11.24 13.64
CA SER A 182 15.08 12.65 13.39
C SER A 182 14.16 13.19 12.28
N ILE A 183 13.55 12.27 11.52
CA ILE A 183 12.44 12.60 10.60
C ILE A 183 11.12 11.99 11.12
N GLN A 184 11.05 11.86 12.45
CA GLN A 184 9.85 11.41 13.16
C GLN A 184 9.34 10.09 12.62
N ASN A 185 10.29 9.22 12.29
CA ASN A 185 9.94 7.88 11.86
C ASN A 185 8.91 7.92 10.74
N ALA A 186 9.17 8.77 9.75
CA ALA A 186 8.22 9.02 8.66
C ALA A 186 7.74 7.75 7.95
N ILE A 187 6.48 7.76 7.55
CA ILE A 187 5.98 6.75 6.62
C ILE A 187 6.60 7.05 5.24
N LEU A 188 7.26 6.03 4.69
CA LEU A 188 8.05 6.17 3.45
C LEU A 188 7.28 5.79 2.19
N GLY A 189 6.23 4.99 2.34
CA GLY A 189 5.56 4.46 1.18
C GLY A 189 4.80 3.18 1.47
N ILE A 190 4.44 2.49 0.39
CA ILE A 190 3.47 1.41 0.46
C ILE A 190 4.09 0.16 -0.14
N HIS A 191 4.02 -0.95 0.62
CA HIS A 191 4.57 -2.23 0.19
C HIS A 191 3.87 -2.78 -1.04
N VAL A 192 4.66 -3.11 -2.08
CA VAL A 192 4.11 -3.62 -3.35
C VAL A 192 4.62 -4.99 -3.80
N ALA A 193 5.78 -5.42 -3.31
CA ALA A 193 6.36 -6.69 -3.77
C ALA A 193 7.38 -7.24 -2.80
N GLY A 194 7.55 -8.56 -2.84
CA GLY A 194 8.57 -9.25 -2.06
C GLY A 194 9.05 -10.50 -2.74
N GLY A 195 10.25 -10.95 -2.38
CA GLY A 195 10.80 -12.19 -2.94
C GLY A 195 12.30 -12.20 -2.84
N ASN A 196 12.89 -13.39 -2.81
CA ASN A 196 14.33 -13.55 -2.63
C ASN A 196 14.89 -12.72 -1.47
N SER A 197 14.13 -12.69 -0.37
CA SER A 197 14.52 -11.95 0.83
C SER A 197 14.66 -10.43 0.61
N ILE A 198 13.95 -9.92 -0.38
CA ILE A 198 13.94 -8.47 -0.64
C ILE A 198 12.50 -7.93 -0.64
N LEU A 199 12.32 -6.75 -0.07
CA LEU A 199 11.01 -6.10 0.03
C LEU A 199 11.01 -4.78 -0.71
N VAL A 200 9.96 -4.55 -1.50
CA VAL A 200 9.88 -3.34 -2.35
C VAL A 200 8.61 -2.54 -2.03
N ALA A 201 8.81 -1.25 -1.76
CA ALA A 201 7.71 -0.34 -1.45
C ALA A 201 7.77 0.89 -2.33
N LYS A 202 6.64 1.28 -2.93
CA LYS A 202 6.56 2.53 -3.68
C LYS A 202 6.73 3.75 -2.77
N LEU A 203 7.61 4.66 -3.15
CA LEU A 203 7.71 5.92 -2.42
C LEU A 203 6.41 6.70 -2.49
N VAL A 204 5.90 7.07 -1.32
CA VAL A 204 4.78 8.00 -1.25
C VAL A 204 5.19 9.17 -0.36
N THR A 205 5.14 10.37 -0.93
CA THR A 205 5.54 11.57 -0.21
C THR A 205 4.31 12.39 0.16
N GLN A 206 4.48 13.29 1.11
CA GLN A 206 3.41 14.21 1.51
C GLN A 206 2.91 15.00 0.32
N GLU A 207 3.83 15.41 -0.54
CA GLU A 207 3.50 16.24 -1.70
C GLU A 207 2.51 15.54 -2.64
N MET A 208 2.55 14.22 -2.69
CA MET A 208 1.64 13.45 -3.55
C MET A 208 0.17 13.56 -3.16
N PHE A 209 -0.11 13.93 -1.91
CA PHE A 209 -1.52 14.10 -1.48
C PHE A 209 -2.15 15.39 -1.98
N GLN A 210 -1.32 16.27 -2.54
CA GLN A 210 -1.79 17.50 -3.19
C GLN A 210 -2.66 17.18 -4.41
N ASN A 211 -2.56 15.95 -4.91
CA ASN A 211 -3.41 15.46 -5.99
C ASN A 211 -4.80 15.03 -5.49
N ILE A 212 -5.13 15.44 -4.27
CA ILE A 212 -6.38 15.06 -3.56
C ILE A 212 -6.40 13.57 -3.22
N LEU B 2 11.42 -11.13 -7.53
CA LEU B 2 10.43 -10.30 -6.85
C LEU B 2 9.02 -10.57 -7.36
N PHE B 3 8.09 -10.79 -6.42
CA PHE B 3 6.70 -11.10 -6.74
C PHE B 3 5.75 -10.13 -6.02
N PHE B 4 4.59 -9.88 -6.64
CA PHE B 4 3.49 -9.16 -5.99
C PHE B 4 3.10 -9.89 -4.70
N GLU B 5 3.15 -9.17 -3.58
CA GLU B 5 2.76 -9.77 -2.29
C GLU B 5 1.88 -8.83 -1.46
#